data_2R2F
#
_entry.id   2R2F
#
_cell.length_a   58.490
_cell.length_b   71.740
_cell.length_c   96.070
_cell.angle_alpha   90.00
_cell.angle_beta   95.01
_cell.angle_gamma   90.00
#
_symmetry.space_group_name_H-M   'P 1 21 1'
#
loop_
_entity.id
_entity.type
_entity.pdbx_description
1 polymer 'PROTEIN (RIBONUCLEOSIDE-DIPHOSPHATE REDUCTASE SMALL CHAIN)'
2 non-polymer MU-OXO-DIIRON
3 water water
#
_entity_poly.entity_id   1
_entity_poly.type   'polypeptide(L)'
_entity_poly.pdbx_seq_one_letter_code
;MKLSRISAINWNKIQDDKDLEVWNRLTSNFWLPEKVPLSNDIPAWQTLSAAEQQLTIRVFTGLTLLDTIQNIAGAPSLMA
DAITPHEEAVLSNISFMEAVHARSYSSIFSTLCQTKEVDAAYAWSEENPPLQRKAQIILAHYVSDEPLKKKIASVFLESF
LFYSGFWLPMYFSSRGKLTNTADLIRLIIRDEAVHGYYIGYKYQIALQKLSAIEREELKLFALDLLMELYDNEIRYTEAL
YAETGWVNDVKAFLCYNANKALMNLGYEALFPPEMADVNPAILAALSPNADENHDFFSGSGSSYVMGKTVETEDEDWNF
;
_entity_poly.pdbx_strand_id   A,B
#
# COMPACT_ATOMS: atom_id res chain seq x y z
N SER A 4 -3.73 22.95 12.00
CA SER A 4 -4.27 22.41 10.72
C SER A 4 -3.83 20.97 10.52
N ARG A 5 -4.80 20.05 10.51
CA ARG A 5 -4.53 18.63 10.34
C ARG A 5 -4.15 18.24 8.91
N ILE A 6 -4.92 17.30 8.39
CA ILE A 6 -4.73 16.77 7.05
C ILE A 6 -5.80 17.36 6.14
N SER A 7 -5.42 17.69 4.91
CA SER A 7 -6.37 18.23 3.95
C SER A 7 -6.75 17.15 2.96
N ALA A 8 -7.95 17.25 2.39
CA ALA A 8 -8.40 16.27 1.41
C ALA A 8 -7.48 16.42 0.20
N ILE A 9 -7.05 15.30 -0.36
CA ILE A 9 -6.15 15.34 -1.51
C ILE A 9 -6.90 15.71 -2.79
N ASN A 10 -6.31 16.61 -3.56
CA ASN A 10 -6.91 17.08 -4.81
C ASN A 10 -6.01 16.64 -5.96
N TRP A 11 -6.45 15.65 -6.74
CA TRP A 11 -5.64 15.17 -7.87
C TRP A 11 -5.78 16.04 -9.12
N ASN A 12 -6.49 17.15 -9.00
CA ASN A 12 -6.66 18.08 -10.12
C ASN A 12 -5.85 19.31 -9.76
N LYS A 13 -5.04 19.17 -8.71
CA LYS A 13 -4.17 20.23 -8.23
C LYS A 13 -2.74 19.71 -8.12
N ILE A 14 -2.37 18.82 -9.04
CA ILE A 14 -1.03 18.25 -9.03
C ILE A 14 0.03 19.33 -8.81
N GLN A 15 1.00 19.05 -7.95
CA GLN A 15 2.06 20.01 -7.64
C GLN A 15 3.35 19.62 -8.37
N ASP A 16 3.44 18.36 -8.75
CA ASP A 16 4.59 17.88 -9.51
C ASP A 16 4.11 16.78 -10.44
N ASP A 17 4.09 17.10 -11.74
CA ASP A 17 3.64 16.16 -12.76
C ASP A 17 4.27 14.78 -12.61
N LYS A 18 5.45 14.71 -12.00
CA LYS A 18 6.14 13.43 -11.82
C LYS A 18 5.28 12.49 -10.96
N ASP A 19 4.62 13.04 -9.94
CA ASP A 19 3.77 12.26 -9.04
C ASP A 19 2.64 11.54 -9.77
N LEU A 20 1.93 12.24 -10.63
CA LEU A 20 0.82 11.63 -11.37
C LEU A 20 1.33 10.60 -12.37
N GLU A 21 2.48 10.87 -12.99
CA GLU A 21 3.07 9.95 -13.96
C GLU A 21 3.42 8.62 -13.32
N VAL A 22 4.13 8.67 -12.19
CA VAL A 22 4.53 7.46 -11.49
C VAL A 22 3.29 6.74 -10.97
N TRP A 23 2.37 7.50 -10.38
CA TRP A 23 1.14 6.88 -9.87
C TRP A 23 0.43 6.15 -10.99
N ASN A 24 0.36 6.78 -12.17
CA ASN A 24 -0.30 6.11 -13.29
C ASN A 24 0.48 4.89 -13.75
N ARG A 25 1.80 5.00 -13.80
CA ARG A 25 2.60 3.86 -14.25
C ARG A 25 2.51 2.69 -13.26
N LEU A 26 2.75 2.97 -11.97
CA LEU A 26 2.69 1.93 -10.95
C LEU A 26 1.33 1.23 -10.83
N THR A 27 0.25 1.99 -10.73
CA THR A 27 -1.08 1.39 -10.63
C THR A 27 -1.42 0.59 -11.88
N SER A 28 -1.13 1.15 -13.04
CA SER A 28 -1.40 0.50 -14.33
C SER A 28 -0.66 -0.81 -14.49
N ASN A 29 0.52 -0.89 -13.87
CA ASN A 29 1.30 -2.12 -13.96
C ASN A 29 0.99 -3.13 -12.86
N PHE A 30 -0.15 -2.99 -12.21
CA PHE A 30 -0.55 -3.91 -11.15
C PHE A 30 -0.55 -5.37 -11.62
N TRP A 31 -0.11 -6.28 -10.76
CA TRP A 31 -0.07 -7.71 -11.08
C TRP A 31 -0.03 -8.50 -9.78
N LEU A 32 -0.28 -9.81 -9.88
CA LEU A 32 -0.24 -10.72 -8.75
C LEU A 32 0.43 -11.99 -9.28
N PRO A 33 1.11 -12.73 -8.41
CA PRO A 33 1.78 -13.96 -8.87
C PRO A 33 0.81 -14.96 -9.51
N GLU A 34 -0.43 -14.99 -9.03
CA GLU A 34 -1.43 -15.91 -9.59
C GLU A 34 -1.64 -15.67 -11.07
N LYS A 35 -1.23 -14.50 -11.56
CA LYS A 35 -1.41 -14.17 -12.97
C LYS A 35 -0.32 -14.76 -13.87
N VAL A 36 0.75 -15.29 -13.25
CA VAL A 36 1.85 -15.88 -13.99
C VAL A 36 1.78 -17.40 -13.94
N PRO A 37 1.88 -18.06 -15.11
CA PRO A 37 1.84 -19.52 -15.27
C PRO A 37 3.08 -20.22 -14.70
N LEU A 38 3.32 -20.05 -13.40
CA LEU A 38 4.49 -20.68 -12.77
C LEU A 38 4.54 -22.20 -12.91
N SER A 39 3.37 -22.85 -12.89
CA SER A 39 3.31 -24.31 -13.01
C SER A 39 3.96 -24.85 -14.29
N ASN A 40 4.13 -24.01 -15.31
CA ASN A 40 4.77 -24.46 -16.55
C ASN A 40 6.30 -24.53 -16.44
N ASP A 41 6.85 -24.24 -15.24
CA ASP A 41 8.29 -24.31 -15.01
C ASP A 41 8.67 -25.57 -14.27
N ILE A 42 7.66 -26.31 -13.83
CA ILE A 42 7.89 -27.55 -13.09
C ILE A 42 8.87 -28.49 -13.83
N PRO A 43 8.68 -28.70 -15.15
CA PRO A 43 9.59 -29.58 -15.90
C PRO A 43 11.01 -28.99 -15.91
N ALA A 44 11.09 -27.68 -16.19
CA ALA A 44 12.39 -27.02 -16.20
C ALA A 44 13.08 -27.23 -14.84
N TRP A 45 12.32 -27.03 -13.76
CA TRP A 45 12.85 -27.18 -12.41
C TRP A 45 13.48 -28.55 -12.21
N GLN A 46 12.84 -29.56 -12.80
CA GLN A 46 13.32 -30.92 -12.70
C GLN A 46 14.67 -31.13 -13.39
N THR A 47 15.01 -30.28 -14.35
CA THR A 47 16.28 -30.43 -15.05
C THR A 47 17.47 -29.74 -14.37
N LEU A 48 17.21 -29.04 -13.26
CA LEU A 48 18.28 -28.36 -12.52
C LEU A 48 18.93 -29.35 -11.54
N SER A 49 20.24 -29.20 -11.31
CA SER A 49 20.94 -30.08 -10.37
C SER A 49 20.49 -29.76 -8.95
N ALA A 50 20.78 -30.64 -8.01
CA ALA A 50 20.40 -30.39 -6.62
C ALA A 50 21.08 -29.11 -6.15
N ALA A 51 22.33 -28.90 -6.57
CA ALA A 51 23.05 -27.70 -6.16
C ALA A 51 22.41 -26.45 -6.73
N GLU A 52 21.94 -26.52 -7.97
CA GLU A 52 21.30 -25.37 -8.61
C GLU A 52 19.95 -25.04 -7.97
N GLN A 53 19.23 -26.06 -7.52
CA GLN A 53 17.94 -25.83 -6.90
C GLN A 53 18.11 -25.13 -5.57
N GLN A 54 19.07 -25.60 -4.77
CA GLN A 54 19.32 -24.98 -3.47
C GLN A 54 19.72 -23.52 -3.65
N LEU A 55 20.64 -23.29 -4.59
CA LEU A 55 21.11 -21.95 -4.89
C LEU A 55 19.95 -21.01 -5.20
N THR A 56 19.05 -21.47 -6.06
CA THR A 56 17.88 -20.68 -6.44
C THR A 56 17.00 -20.35 -5.26
N ILE A 57 16.68 -21.36 -4.45
CA ILE A 57 15.83 -21.16 -3.27
C ILE A 57 16.46 -20.15 -2.27
N ARG A 58 17.75 -20.30 -2.00
CA ARG A 58 18.42 -19.36 -1.09
C ARG A 58 18.41 -17.95 -1.65
N VAL A 59 18.73 -17.81 -2.94
CA VAL A 59 18.71 -16.49 -3.56
C VAL A 59 17.33 -15.83 -3.40
N PHE A 60 16.27 -16.56 -3.72
CA PHE A 60 14.91 -16.02 -3.62
C PHE A 60 14.47 -15.70 -2.19
N THR A 61 14.94 -16.50 -1.24
CA THR A 61 14.57 -16.25 0.14
C THR A 61 15.23 -14.93 0.53
N GLY A 62 16.44 -14.72 0.01
CA GLY A 62 17.16 -13.49 0.29
C GLY A 62 16.39 -12.30 -0.23
N LEU A 63 15.84 -12.41 -1.43
CA LEU A 63 15.10 -11.31 -2.01
C LEU A 63 13.85 -11.09 -1.19
N THR A 64 13.26 -12.18 -0.72
CA THR A 64 12.04 -12.11 0.08
C THR A 64 12.29 -11.26 1.33
N LEU A 65 13.42 -11.50 1.99
CA LEU A 65 13.77 -10.74 3.19
C LEU A 65 13.82 -9.25 2.84
N LEU A 66 14.55 -8.92 1.77
CA LEU A 66 14.68 -7.54 1.34
C LEU A 66 13.32 -6.85 1.07
N ASP A 67 12.43 -7.49 0.31
CA ASP A 67 11.12 -6.88 0.06
C ASP A 67 10.23 -6.82 1.28
N THR A 68 10.38 -7.78 2.19
CA THR A 68 9.58 -7.76 3.42
C THR A 68 9.97 -6.49 4.18
N ILE A 69 11.26 -6.21 4.22
CA ILE A 69 11.75 -5.02 4.90
C ILE A 69 11.24 -3.76 4.17
N GLN A 70 11.31 -3.76 2.85
CA GLN A 70 10.88 -2.61 2.07
C GLN A 70 9.37 -2.37 2.26
N ASN A 71 8.62 -3.45 2.43
CA ASN A 71 7.18 -3.39 2.64
C ASN A 71 6.87 -2.83 4.04
N ILE A 72 7.56 -3.37 5.04
CA ILE A 72 7.39 -3.01 6.46
C ILE A 72 8.02 -1.69 6.93
N ALA A 73 9.31 -1.54 6.69
CA ALA A 73 10.06 -0.36 7.14
C ALA A 73 10.50 0.62 6.07
N GLY A 74 10.94 0.11 4.93
CA GLY A 74 11.39 0.99 3.87
C GLY A 74 10.37 1.99 3.35
N ALA A 75 9.52 1.55 2.44
CA ALA A 75 8.51 2.44 1.85
C ALA A 75 7.76 3.26 2.92
N PRO A 76 7.29 2.61 4.00
CA PRO A 76 6.57 3.34 5.05
C PRO A 76 7.38 4.45 5.75
N SER A 77 8.69 4.29 5.87
CA SER A 77 9.50 5.31 6.54
C SER A 77 9.75 6.54 5.66
N LEU A 78 9.36 6.45 4.39
CA LEU A 78 9.54 7.57 3.48
C LEU A 78 8.27 8.40 3.39
N MET A 79 7.15 7.78 3.76
CA MET A 79 5.86 8.44 3.68
C MET A 79 5.79 9.65 4.58
N ALA A 80 6.56 9.64 5.67
CA ALA A 80 6.56 10.76 6.58
C ALA A 80 7.40 11.91 6.03
N ASP A 81 8.21 11.64 5.01
CA ASP A 81 9.08 12.64 4.41
C ASP A 81 8.58 13.13 3.04
N ALA A 82 7.39 12.72 2.65
CA ALA A 82 6.85 13.13 1.34
C ALA A 82 6.60 14.64 1.32
N ILE A 83 6.92 15.28 0.21
CA ILE A 83 6.71 16.73 0.09
C ILE A 83 5.41 17.16 -0.62
N THR A 84 4.61 16.19 -1.07
CA THR A 84 3.33 16.48 -1.71
C THR A 84 2.35 15.37 -1.32
N PRO A 85 1.06 15.69 -1.16
CA PRO A 85 0.12 14.63 -0.79
C PRO A 85 0.04 13.49 -1.80
N HIS A 86 0.29 13.80 -3.06
CA HIS A 86 0.24 12.78 -4.09
C HIS A 86 1.39 11.80 -3.93
N GLU A 87 2.53 12.28 -3.46
CA GLU A 87 3.69 11.41 -3.25
C GLU A 87 3.31 10.33 -2.21
N GLU A 88 2.66 10.76 -1.15
CA GLU A 88 2.23 9.86 -0.08
C GLU A 88 1.39 8.71 -0.62
N ALA A 89 0.46 9.03 -1.53
CA ALA A 89 -0.39 8.01 -2.12
C ALA A 89 0.45 7.04 -2.93
N VAL A 90 1.40 7.56 -3.69
CA VAL A 90 2.29 6.73 -4.50
C VAL A 90 3.12 5.83 -3.59
N LEU A 91 3.64 6.38 -2.49
CA LEU A 91 4.44 5.58 -1.57
C LEU A 91 3.60 4.47 -0.94
N SER A 92 2.31 4.71 -0.76
CA SER A 92 1.47 3.66 -0.19
C SER A 92 1.29 2.59 -1.26
N ASN A 93 1.34 2.97 -2.53
CA ASN A 93 1.24 1.93 -3.57
C ASN A 93 2.54 1.12 -3.61
N ILE A 94 3.66 1.82 -3.50
CA ILE A 94 4.96 1.12 -3.50
C ILE A 94 5.01 0.11 -2.34
N SER A 95 4.64 0.55 -1.15
CA SER A 95 4.64 -0.34 0.01
C SER A 95 3.81 -1.60 -0.26
N PHE A 96 2.63 -1.42 -0.83
CA PHE A 96 1.76 -2.53 -1.14
C PHE A 96 2.42 -3.49 -2.12
N MET A 97 2.92 -2.97 -3.23
CA MET A 97 3.57 -3.82 -4.23
C MET A 97 4.80 -4.56 -3.66
N GLU A 98 5.50 -3.96 -2.69
CA GLU A 98 6.63 -4.67 -2.08
C GLU A 98 6.08 -5.92 -1.37
N ALA A 99 4.85 -5.84 -0.85
CA ALA A 99 4.23 -7.02 -0.22
C ALA A 99 3.92 -8.04 -1.30
N VAL A 100 3.47 -7.58 -2.46
CA VAL A 100 3.18 -8.48 -3.57
C VAL A 100 4.48 -9.15 -4.02
N HIS A 101 5.55 -8.38 -4.12
CA HIS A 101 6.84 -8.94 -4.50
C HIS A 101 7.28 -10.02 -3.51
N ALA A 102 7.21 -9.73 -2.22
CA ALA A 102 7.61 -10.72 -1.22
C ALA A 102 6.71 -11.95 -1.27
N ARG A 103 5.43 -11.74 -1.53
CA ARG A 103 4.47 -12.84 -1.61
C ARG A 103 4.73 -13.72 -2.81
N SER A 104 5.22 -13.12 -3.90
CA SER A 104 5.52 -13.84 -5.15
C SER A 104 6.51 -14.98 -4.97
N TYR A 105 7.49 -14.79 -4.09
CA TYR A 105 8.47 -15.84 -3.88
C TYR A 105 7.86 -17.07 -3.25
N SER A 106 6.91 -16.87 -2.34
CA SER A 106 6.25 -18.01 -1.74
C SER A 106 5.45 -18.74 -2.82
N SER A 107 4.91 -17.98 -3.77
CA SER A 107 4.15 -18.57 -4.88
C SER A 107 5.06 -19.54 -5.62
N ILE A 108 6.26 -19.05 -5.94
CA ILE A 108 7.25 -19.86 -6.63
C ILE A 108 7.67 -21.07 -5.80
N PHE A 109 7.79 -20.89 -4.48
CA PHE A 109 8.19 -22.01 -3.65
C PHE A 109 7.11 -23.07 -3.58
N SER A 110 5.86 -22.62 -3.50
CA SER A 110 4.73 -23.53 -3.43
C SER A 110 4.62 -24.35 -4.71
N THR A 111 4.77 -23.68 -5.85
CA THR A 111 4.66 -24.33 -7.14
C THR A 111 5.80 -25.29 -7.49
N LEU A 112 7.05 -24.86 -7.31
CA LEU A 112 8.20 -25.70 -7.69
C LEU A 112 8.93 -26.53 -6.64
N CYS A 113 9.06 -26.00 -5.43
CA CYS A 113 9.84 -26.67 -4.41
C CYS A 113 9.13 -27.52 -3.38
N GLN A 114 9.93 -28.21 -2.56
CA GLN A 114 9.42 -29.07 -1.49
C GLN A 114 9.57 -28.30 -0.18
N THR A 115 8.60 -28.49 0.71
CA THR A 115 8.57 -27.82 2.01
C THR A 115 9.87 -27.89 2.81
N LYS A 116 10.42 -29.08 3.00
CA LYS A 116 11.65 -29.21 3.77
C LYS A 116 12.73 -28.34 3.16
N GLU A 117 12.86 -28.44 1.85
CA GLU A 117 13.84 -27.70 1.06
C GLU A 117 13.70 -26.18 1.32
N VAL A 118 12.47 -25.68 1.27
CA VAL A 118 12.20 -24.26 1.49
C VAL A 118 12.45 -23.82 2.94
N ASP A 119 11.99 -24.63 3.90
CA ASP A 119 12.19 -24.31 5.30
C ASP A 119 13.68 -24.23 5.63
N ALA A 120 14.47 -25.12 5.06
CA ALA A 120 15.91 -25.09 5.31
C ALA A 120 16.48 -23.77 4.77
N ALA A 121 15.98 -23.31 3.62
CA ALA A 121 16.46 -22.07 3.02
C ALA A 121 16.14 -20.87 3.93
N TYR A 122 14.93 -20.86 4.48
CA TYR A 122 14.55 -19.77 5.38
C TYR A 122 15.44 -19.79 6.64
N ALA A 123 15.89 -20.97 7.05
CA ALA A 123 16.74 -21.09 8.23
C ALA A 123 18.13 -20.57 7.86
N TRP A 124 18.54 -20.82 6.62
CA TRP A 124 19.81 -20.35 6.11
C TRP A 124 19.85 -18.83 6.11
N SER A 125 18.77 -18.22 5.63
CA SER A 125 18.72 -16.77 5.53
C SER A 125 18.76 -16.14 6.90
N GLU A 126 18.28 -16.83 7.92
CA GLU A 126 18.29 -16.27 9.27
C GLU A 126 19.71 -16.19 9.85
N GLU A 127 20.61 -17.07 9.39
CA GLU A 127 21.98 -17.10 9.92
C GLU A 127 23.08 -16.66 8.95
N ASN A 128 22.74 -16.42 7.69
CA ASN A 128 23.76 -16.00 6.72
C ASN A 128 24.35 -14.63 7.10
N PRO A 129 25.67 -14.57 7.32
CA PRO A 129 26.30 -13.28 7.70
C PRO A 129 26.07 -12.09 6.77
N PRO A 130 26.51 -12.17 5.50
CA PRO A 130 26.33 -11.05 4.57
C PRO A 130 24.88 -10.60 4.42
N LEU A 131 23.94 -11.56 4.41
CA LEU A 131 22.53 -11.20 4.27
C LEU A 131 22.01 -10.43 5.49
N GLN A 132 22.47 -10.82 6.69
CA GLN A 132 22.04 -10.16 7.93
C GLN A 132 22.61 -8.77 7.96
N ARG A 133 23.89 -8.67 7.59
CA ARG A 133 24.54 -7.38 7.60
C ARG A 133 23.85 -6.40 6.64
N LYS A 134 23.56 -6.83 5.42
CA LYS A 134 22.92 -5.90 4.47
C LYS A 134 21.55 -5.47 4.98
N ALA A 135 20.79 -6.41 5.54
CA ALA A 135 19.47 -6.07 6.07
C ALA A 135 19.59 -5.11 7.25
N GLN A 136 20.61 -5.34 8.07
CA GLN A 136 20.89 -4.54 9.26
C GLN A 136 21.22 -3.10 8.88
N ILE A 137 22.16 -2.97 7.95
CA ILE A 137 22.60 -1.67 7.48
C ILE A 137 21.44 -0.81 6.98
N ILE A 138 20.72 -1.32 5.98
CA ILE A 138 19.59 -0.58 5.46
C ILE A 138 18.54 -0.25 6.52
N LEU A 139 18.15 -1.27 7.30
CA LEU A 139 17.13 -1.09 8.33
C LEU A 139 17.53 -0.01 9.36
N ALA A 140 18.82 0.11 9.63
CA ALA A 140 19.31 1.10 10.58
C ALA A 140 19.06 2.51 10.03
N HIS A 141 19.09 2.67 8.72
CA HIS A 141 18.85 3.98 8.13
C HIS A 141 17.36 4.26 8.11
N TYR A 142 16.56 3.21 7.95
CA TYR A 142 15.12 3.34 7.92
C TYR A 142 14.49 3.78 9.23
N VAL A 143 15.13 3.45 10.35
CA VAL A 143 14.60 3.85 11.66
C VAL A 143 15.24 5.14 12.14
N SER A 144 16.30 5.56 11.46
CA SER A 144 17.01 6.77 11.85
C SER A 144 16.19 8.04 11.72
N ASP A 145 16.88 9.16 11.92
CA ASP A 145 16.27 10.48 11.92
C ASP A 145 16.55 11.30 10.64
N GLU A 146 17.46 10.82 9.81
CA GLU A 146 17.84 11.52 8.58
C GLU A 146 17.12 11.03 7.32
N PRO A 147 16.12 11.80 6.85
CA PRO A 147 15.33 11.48 5.67
C PRO A 147 16.09 11.20 4.37
N LEU A 148 17.10 12.01 4.07
CA LEU A 148 17.84 11.82 2.84
C LEU A 148 18.68 10.57 2.85
N LYS A 149 19.07 10.13 4.04
CA LYS A 149 19.85 8.91 4.16
C LYS A 149 18.92 7.72 4.00
N LYS A 150 17.65 7.90 4.36
CA LYS A 150 16.70 6.81 4.20
C LYS A 150 16.51 6.60 2.70
N LYS A 151 16.40 7.70 1.95
CA LYS A 151 16.22 7.63 0.50
C LYS A 151 17.45 7.06 -0.20
N ILE A 152 18.65 7.40 0.27
CA ILE A 152 19.85 6.85 -0.34
C ILE A 152 19.88 5.33 -0.12
N ALA A 153 19.56 4.91 1.10
CA ALA A 153 19.54 3.49 1.43
C ALA A 153 18.48 2.75 0.60
N SER A 154 17.30 3.36 0.49
CA SER A 154 16.21 2.78 -0.28
C SER A 154 16.63 2.55 -1.74
N VAL A 155 17.26 3.54 -2.39
CA VAL A 155 17.66 3.38 -3.79
C VAL A 155 18.72 2.28 -3.96
N PHE A 156 19.62 2.18 -2.99
CA PHE A 156 20.65 1.13 -3.03
C PHE A 156 19.98 -0.22 -2.84
N LEU A 157 18.96 -0.28 -2.00
CA LEU A 157 18.27 -1.54 -1.77
C LEU A 157 17.54 -1.97 -3.06
N GLU A 158 16.87 -1.03 -3.70
CA GLU A 158 16.14 -1.35 -4.92
C GLU A 158 16.94 -1.45 -6.20
N SER A 159 17.77 -0.45 -6.50
CA SER A 159 18.54 -0.48 -7.73
C SER A 159 19.84 -1.29 -7.66
N PHE A 160 20.28 -1.65 -6.46
CA PHE A 160 21.52 -2.42 -6.35
C PHE A 160 21.38 -3.78 -5.72
N LEU A 161 20.98 -3.83 -4.45
CA LEU A 161 20.83 -5.10 -3.77
C LEU A 161 19.80 -6.02 -4.46
N PHE A 162 18.65 -5.49 -4.83
CA PHE A 162 17.66 -6.33 -5.47
C PHE A 162 18.05 -6.82 -6.85
N TYR A 163 18.15 -5.89 -7.79
CA TYR A 163 18.52 -6.26 -9.16
C TYR A 163 19.57 -7.35 -9.20
N SER A 164 20.58 -7.23 -8.35
CA SER A 164 21.64 -8.24 -8.33
C SER A 164 21.15 -9.67 -8.23
N GLY A 165 20.08 -9.91 -7.47
CA GLY A 165 19.57 -11.27 -7.32
C GLY A 165 18.82 -11.81 -8.53
N PHE A 166 18.56 -10.92 -9.49
CA PHE A 166 17.83 -11.28 -10.70
C PHE A 166 18.70 -11.96 -11.75
N TRP A 167 20.01 -11.96 -11.56
CA TRP A 167 20.92 -12.58 -12.53
C TRP A 167 20.60 -14.05 -12.77
N LEU A 168 20.39 -14.78 -11.68
CA LEU A 168 20.13 -16.21 -11.77
C LEU A 168 18.89 -16.60 -12.60
N PRO A 169 17.71 -16.06 -12.28
CA PRO A 169 16.54 -16.43 -13.09
C PRO A 169 16.73 -16.00 -14.53
N MET A 170 17.46 -14.91 -14.75
CA MET A 170 17.70 -14.44 -16.10
C MET A 170 18.68 -15.37 -16.84
N TYR A 171 19.64 -15.92 -16.12
CA TYR A 171 20.59 -16.83 -16.75
C TYR A 171 19.84 -18.10 -17.19
N PHE A 172 19.11 -18.70 -16.25
CA PHE A 172 18.36 -19.91 -16.52
C PHE A 172 17.43 -19.71 -17.72
N SER A 173 16.76 -18.57 -17.74
CA SER A 173 15.83 -18.25 -18.82
C SER A 173 16.55 -18.23 -20.16
N SER A 174 17.82 -17.83 -20.16
CA SER A 174 18.58 -17.77 -21.41
C SER A 174 18.87 -19.20 -21.87
N ARG A 175 18.75 -20.16 -20.96
CA ARG A 175 18.97 -21.57 -21.28
C ARG A 175 17.62 -22.24 -21.51
N GLY A 176 16.55 -21.45 -21.40
CA GLY A 176 15.22 -22.00 -21.61
C GLY A 176 14.64 -22.64 -20.37
N LYS A 177 15.20 -22.30 -19.21
CA LYS A 177 14.70 -22.86 -17.96
C LYS A 177 14.08 -21.80 -17.07
N LEU A 178 13.01 -22.16 -16.38
CA LEU A 178 12.30 -21.26 -15.47
C LEU A 178 11.90 -19.97 -16.17
N THR A 179 11.42 -20.09 -17.40
CA THR A 179 11.04 -18.92 -18.17
C THR A 179 9.86 -18.13 -17.59
N ASN A 180 8.92 -18.81 -16.97
CA ASN A 180 7.77 -18.13 -16.39
C ASN A 180 8.15 -17.42 -15.07
N THR A 181 9.07 -18.02 -14.33
CA THR A 181 9.55 -17.39 -13.10
C THR A 181 10.29 -16.13 -13.56
N ALA A 182 11.03 -16.25 -14.66
CA ALA A 182 11.77 -15.11 -15.22
C ALA A 182 10.79 -14.02 -15.61
N ASP A 183 9.63 -14.40 -16.13
CA ASP A 183 8.63 -13.41 -16.51
C ASP A 183 8.12 -12.68 -15.27
N LEU A 184 7.93 -13.41 -14.19
CA LEU A 184 7.46 -12.82 -12.95
C LEU A 184 8.50 -11.84 -12.43
N ILE A 185 9.78 -12.22 -12.51
CA ILE A 185 10.86 -11.35 -12.07
C ILE A 185 10.88 -10.07 -12.92
N ARG A 186 10.53 -10.16 -14.19
CA ARG A 186 10.52 -8.95 -15.02
C ARG A 186 9.35 -8.06 -14.58
N LEU A 187 8.33 -8.65 -13.96
CA LEU A 187 7.24 -7.83 -13.48
C LEU A 187 7.75 -7.08 -12.25
N ILE A 188 8.55 -7.75 -11.42
CA ILE A 188 9.13 -7.12 -10.24
C ILE A 188 10.08 -5.99 -10.65
N ILE A 189 10.91 -6.26 -11.65
CA ILE A 189 11.86 -5.26 -12.16
C ILE A 189 11.15 -4.03 -12.74
N ARG A 190 10.02 -4.24 -13.39
CA ARG A 190 9.29 -3.14 -13.98
C ARG A 190 8.85 -2.17 -12.87
N ASP A 191 8.58 -2.70 -11.69
CA ASP A 191 8.18 -1.89 -10.54
C ASP A 191 9.45 -1.30 -9.91
N GLU A 192 10.43 -2.18 -9.68
CA GLU A 192 11.69 -1.78 -9.05
C GLU A 192 12.37 -0.62 -9.79
N ALA A 193 12.40 -0.69 -11.11
CA ALA A 193 13.03 0.36 -11.90
C ALA A 193 12.35 1.71 -11.62
N VAL A 194 11.04 1.69 -11.48
CA VAL A 194 10.32 2.92 -11.22
C VAL A 194 10.52 3.38 -9.77
N HIS A 195 10.52 2.43 -8.82
CA HIS A 195 10.71 2.80 -7.42
C HIS A 195 12.02 3.56 -7.21
N GLY A 196 13.14 3.01 -7.70
CA GLY A 196 14.43 3.66 -7.55
C GLY A 196 14.48 5.03 -8.24
N TYR A 197 13.98 5.06 -9.47
CA TYR A 197 13.90 6.30 -10.23
C TYR A 197 13.17 7.39 -9.46
N TYR A 198 11.99 7.04 -8.95
CA TYR A 198 11.14 7.98 -8.22
C TYR A 198 11.72 8.46 -6.90
N ILE A 199 12.11 7.52 -6.06
CA ILE A 199 12.69 7.86 -4.77
C ILE A 199 14.00 8.59 -5.02
N GLY A 200 14.73 8.21 -6.07
CA GLY A 200 15.98 8.88 -6.37
C GLY A 200 15.73 10.32 -6.80
N TYR A 201 14.64 10.54 -7.54
CA TYR A 201 14.24 11.86 -8.00
C TYR A 201 13.90 12.75 -6.79
N LYS A 202 13.07 12.24 -5.88
CA LYS A 202 12.70 13.00 -4.68
C LYS A 202 13.92 13.33 -3.85
N TYR A 203 14.93 12.47 -3.91
CA TYR A 203 16.17 12.71 -3.19
C TYR A 203 16.87 13.91 -3.82
N GLN A 204 16.91 13.92 -5.15
CA GLN A 204 17.56 15.01 -5.88
C GLN A 204 16.92 16.36 -5.57
N ILE A 205 15.59 16.39 -5.50
CA ILE A 205 14.91 17.64 -5.19
C ILE A 205 15.30 18.11 -3.79
N ALA A 206 15.31 17.20 -2.81
CA ALA A 206 15.69 17.57 -1.45
C ALA A 206 17.10 18.16 -1.41
N LEU A 207 17.99 17.65 -2.27
CA LEU A 207 19.37 18.15 -2.34
C LEU A 207 19.49 19.60 -2.77
N GLN A 208 18.60 20.05 -3.66
CA GLN A 208 18.67 21.43 -4.16
C GLN A 208 18.35 22.42 -3.06
N LYS A 209 17.63 21.95 -2.05
CA LYS A 209 17.23 22.80 -0.92
C LYS A 209 18.29 22.83 0.17
N LEU A 210 19.48 22.32 -0.13
CA LEU A 210 20.54 22.27 0.87
C LEU A 210 21.77 23.06 0.44
N SER A 211 22.63 23.36 1.40
CA SER A 211 23.85 24.11 1.12
C SER A 211 24.79 23.21 0.34
N ALA A 212 25.80 23.81 -0.29
CA ALA A 212 26.77 23.03 -1.05
C ALA A 212 27.55 22.14 -0.11
N ILE A 213 27.79 22.62 1.10
CA ILE A 213 28.53 21.88 2.11
C ILE A 213 27.75 20.62 2.49
N GLU A 214 26.43 20.76 2.52
CA GLU A 214 25.55 19.66 2.84
C GLU A 214 25.40 18.67 1.69
N ARG A 215 25.36 19.14 0.45
CA ARG A 215 25.23 18.22 -0.66
C ARG A 215 26.49 17.37 -0.70
N GLU A 216 27.63 18.01 -0.41
CA GLU A 216 28.92 17.35 -0.42
C GLU A 216 29.00 16.26 0.65
N GLU A 217 28.47 16.54 1.84
CA GLU A 217 28.47 15.55 2.90
C GLU A 217 27.63 14.34 2.50
N LEU A 218 26.51 14.57 1.83
CA LEU A 218 25.65 13.47 1.40
C LEU A 218 26.28 12.67 0.28
N LYS A 219 26.96 13.34 -0.63
CA LYS A 219 27.60 12.63 -1.73
C LYS A 219 28.64 11.66 -1.20
N LEU A 220 29.45 12.12 -0.25
CA LEU A 220 30.47 11.27 0.35
C LEU A 220 29.82 10.13 1.13
N PHE A 221 28.73 10.46 1.81
CA PHE A 221 28.02 9.44 2.56
C PHE A 221 27.54 8.36 1.60
N ALA A 222 26.96 8.80 0.48
CA ALA A 222 26.45 7.91 -0.54
C ALA A 222 27.53 6.94 -1.02
N LEU A 223 28.69 7.46 -1.38
CA LEU A 223 29.77 6.61 -1.85
C LEU A 223 30.31 5.64 -0.79
N ASP A 224 30.43 6.08 0.48
CA ASP A 224 30.90 5.17 1.52
C ASP A 224 29.89 4.05 1.78
N LEU A 225 28.60 4.39 1.81
CA LEU A 225 27.59 3.37 2.05
C LEU A 225 27.61 2.36 0.90
N LEU A 226 27.73 2.86 -0.33
CA LEU A 226 27.78 1.99 -1.49
C LEU A 226 28.95 1.01 -1.41
N MET A 227 30.15 1.49 -1.09
CA MET A 227 31.30 0.59 -1.00
C MET A 227 31.10 -0.44 0.10
N GLU A 228 30.48 -0.03 1.20
CA GLU A 228 30.21 -0.96 2.28
C GLU A 228 29.24 -2.05 1.79
N LEU A 229 28.13 -1.64 1.18
CA LEU A 229 27.13 -2.60 0.69
C LEU A 229 27.67 -3.43 -0.46
N TYR A 230 28.48 -2.81 -1.30
CA TYR A 230 29.08 -3.46 -2.47
C TYR A 230 30.03 -4.57 -2.04
N ASP A 231 30.98 -4.26 -1.18
CA ASP A 231 31.91 -5.29 -0.76
C ASP A 231 31.22 -6.40 0.00
N ASN A 232 30.20 -6.06 0.79
CA ASN A 232 29.46 -7.10 1.51
C ASN A 232 28.66 -7.94 0.51
N GLU A 233 28.28 -7.33 -0.61
CA GLU A 233 27.54 -8.06 -1.63
C GLU A 233 28.49 -9.01 -2.38
N ILE A 234 29.75 -8.60 -2.53
CA ILE A 234 30.74 -9.47 -3.17
C ILE A 234 30.90 -10.73 -2.33
N ARG A 235 31.01 -10.56 -1.02
CA ARG A 235 31.19 -11.70 -0.11
C ARG A 235 29.96 -12.59 -0.16
N TYR A 236 28.78 -11.98 -0.20
CA TYR A 236 27.52 -12.70 -0.28
C TYR A 236 27.55 -13.52 -1.56
N THR A 237 27.92 -12.88 -2.66
CA THR A 237 27.99 -13.53 -3.96
C THR A 237 29.00 -14.69 -4.03
N GLU A 238 30.20 -14.48 -3.50
CA GLU A 238 31.22 -15.54 -3.54
C GLU A 238 30.80 -16.78 -2.76
N ALA A 239 30.05 -16.59 -1.69
CA ALA A 239 29.60 -17.74 -0.90
C ALA A 239 28.41 -18.45 -1.57
N LEU A 240 27.44 -17.70 -2.07
CA LEU A 240 26.29 -18.32 -2.74
C LEU A 240 26.66 -19.08 -3.99
N TYR A 241 27.39 -18.42 -4.89
CA TYR A 241 27.77 -19.04 -6.14
C TYR A 241 29.12 -19.74 -6.13
N ALA A 242 29.59 -20.15 -4.95
CA ALA A 242 30.87 -20.82 -4.83
C ALA A 242 31.06 -21.87 -5.93
N GLU A 243 30.05 -22.68 -6.17
CA GLU A 243 30.17 -23.69 -7.22
C GLU A 243 29.98 -23.02 -8.59
N THR A 244 28.77 -23.08 -9.09
CA THR A 244 28.36 -22.49 -10.36
C THR A 244 29.39 -22.17 -11.43
N GLY A 245 30.36 -21.32 -11.10
CA GLY A 245 31.34 -20.91 -12.07
C GLY A 245 30.80 -19.61 -12.65
N TRP A 246 29.81 -19.05 -11.97
CA TRP A 246 29.18 -17.80 -12.40
C TRP A 246 29.51 -16.59 -11.52
N VAL A 247 30.34 -16.79 -10.50
CA VAL A 247 30.71 -15.69 -9.60
C VAL A 247 31.18 -14.43 -10.31
N ASN A 248 32.11 -14.57 -11.25
CA ASN A 248 32.59 -13.38 -11.92
C ASN A 248 31.53 -12.70 -12.79
N ASP A 249 30.57 -13.44 -13.31
CA ASP A 249 29.50 -12.81 -14.09
C ASP A 249 28.61 -12.01 -13.17
N VAL A 250 28.30 -12.56 -12.00
CA VAL A 250 27.45 -11.86 -11.06
C VAL A 250 28.13 -10.58 -10.55
N LYS A 251 29.44 -10.64 -10.29
CA LYS A 251 30.16 -9.47 -9.82
C LYS A 251 30.02 -8.33 -10.82
N ALA A 252 30.24 -8.63 -12.10
CA ALA A 252 30.12 -7.63 -13.15
C ALA A 252 28.71 -7.05 -13.17
N PHE A 253 27.73 -7.89 -12.88
CA PHE A 253 26.33 -7.47 -12.85
C PHE A 253 26.15 -6.52 -11.66
N LEU A 254 26.81 -6.80 -10.54
CA LEU A 254 26.74 -5.95 -9.36
C LEU A 254 27.20 -4.51 -9.69
N CYS A 255 28.35 -4.41 -10.37
CA CYS A 255 28.90 -3.11 -10.74
C CYS A 255 27.94 -2.38 -11.67
N TYR A 256 27.38 -3.12 -12.63
CA TYR A 256 26.43 -2.55 -13.60
C TYR A 256 25.24 -1.91 -12.89
N ASN A 257 24.67 -2.62 -11.94
CA ASN A 257 23.53 -2.11 -11.19
C ASN A 257 23.92 -1.04 -10.17
N ALA A 258 25.14 -1.11 -9.64
CA ALA A 258 25.59 -0.10 -8.70
C ALA A 258 25.64 1.23 -9.48
N ASN A 259 26.09 1.19 -10.73
CA ASN A 259 26.12 2.42 -11.51
C ASN A 259 24.70 2.95 -11.70
N LYS A 260 23.73 2.06 -11.94
CA LYS A 260 22.36 2.55 -12.10
C LYS A 260 21.82 3.13 -10.79
N ALA A 261 22.17 2.52 -9.67
CA ALA A 261 21.71 3.04 -8.39
C ALA A 261 22.28 4.46 -8.24
N LEU A 262 23.56 4.63 -8.52
CA LEU A 262 24.18 5.95 -8.40
C LEU A 262 23.54 7.02 -9.29
N MET A 263 23.23 6.67 -10.53
CA MET A 263 22.62 7.66 -11.42
C MET A 263 21.19 7.97 -11.04
N ASN A 264 20.49 7.02 -10.42
CA ASN A 264 19.13 7.28 -9.96
C ASN A 264 19.19 8.34 -8.85
N LEU A 265 20.36 8.47 -8.23
CA LEU A 265 20.56 9.45 -7.16
C LEU A 265 21.06 10.78 -7.71
N GLY A 266 21.35 10.80 -9.01
CA GLY A 266 21.84 12.01 -9.64
C GLY A 266 23.36 12.07 -9.73
N TYR A 267 24.03 10.98 -9.37
CA TYR A 267 25.49 10.93 -9.40
C TYR A 267 26.00 10.24 -10.67
N GLU A 268 27.29 10.42 -10.96
CA GLU A 268 27.91 9.82 -12.13
C GLU A 268 28.30 8.37 -11.87
N ALA A 269 28.30 7.56 -12.93
CA ALA A 269 28.68 6.16 -12.84
C ALA A 269 30.04 6.10 -12.15
N LEU A 270 30.24 5.06 -11.34
CA LEU A 270 31.49 4.89 -10.60
C LEU A 270 32.33 3.71 -11.09
N PHE A 271 31.68 2.66 -11.59
CA PHE A 271 32.44 1.51 -12.07
C PHE A 271 32.69 1.57 -13.58
N PRO A 272 33.96 1.40 -13.98
CA PRO A 272 34.35 1.44 -15.38
C PRO A 272 33.76 0.27 -16.15
N PRO A 273 33.61 0.42 -17.48
CA PRO A 273 33.07 -0.63 -18.32
C PRO A 273 33.75 -1.99 -18.17
N GLU A 274 35.03 -2.01 -17.82
CA GLU A 274 35.73 -3.29 -17.69
C GLU A 274 35.27 -4.06 -16.44
N MET A 275 34.56 -3.40 -15.54
CA MET A 275 34.09 -4.07 -14.34
C MET A 275 32.59 -4.34 -14.40
N ALA A 276 31.90 -3.64 -15.29
CA ALA A 276 30.45 -3.79 -15.41
C ALA A 276 29.99 -4.34 -16.76
N ASP A 277 30.80 -5.21 -17.36
CA ASP A 277 30.46 -5.80 -18.66
C ASP A 277 29.54 -6.98 -18.44
N VAL A 278 28.25 -6.81 -18.74
CA VAL A 278 27.28 -7.88 -18.56
C VAL A 278 27.07 -8.65 -19.86
N ASN A 279 27.09 -9.98 -19.76
CA ASN A 279 26.89 -10.81 -20.94
C ASN A 279 25.61 -10.38 -21.64
N PRO A 280 25.68 -10.12 -22.96
CA PRO A 280 24.51 -9.70 -23.73
C PRO A 280 23.32 -10.63 -23.60
N ALA A 281 23.59 -11.89 -23.26
CA ALA A 281 22.52 -12.87 -23.08
C ALA A 281 21.71 -12.49 -21.84
N ILE A 282 22.40 -12.06 -20.80
CA ILE A 282 21.75 -11.66 -19.55
C ILE A 282 20.99 -10.37 -19.80
N LEU A 283 21.63 -9.42 -20.48
CA LEU A 283 20.98 -8.15 -20.79
C LEU A 283 19.77 -8.37 -21.69
N ALA A 284 19.93 -9.24 -22.69
CA ALA A 284 18.83 -9.53 -23.61
C ALA A 284 17.64 -10.04 -22.81
N ALA A 285 17.83 -11.19 -22.17
CA ALA A 285 16.78 -11.82 -21.38
C ALA A 285 16.34 -11.01 -20.18
N LEU A 286 16.96 -9.85 -19.96
CA LEU A 286 16.63 -9.05 -18.80
C LEU A 286 15.46 -8.08 -18.89
N SER A 287 15.71 -6.88 -19.40
CA SER A 287 14.69 -5.84 -19.48
C SER A 287 14.56 -5.30 -18.04
N PRO A 288 15.64 -4.67 -17.53
CA PRO A 288 15.78 -4.08 -16.20
C PRO A 288 15.53 -2.58 -16.17
N ASN A 289 16.33 -1.88 -15.37
CA ASN A 289 16.26 -0.42 -15.30
C ASN A 289 16.51 -0.05 -16.77
N LYS B 2 19.60 -10.27 9.05
CA LYS B 2 18.46 -11.08 9.52
C LYS B 2 18.42 -11.17 11.05
N LEU B 3 18.75 -12.36 11.55
CA LEU B 3 18.72 -12.61 12.98
C LEU B 3 17.32 -12.35 13.53
N SER B 4 17.25 -11.88 14.76
CA SER B 4 15.96 -11.61 15.39
C SER B 4 15.25 -10.35 14.86
N ARG B 5 15.85 -9.67 13.88
CA ARG B 5 15.23 -8.46 13.32
C ARG B 5 13.95 -8.79 12.58
N ILE B 6 13.92 -8.44 11.30
CA ILE B 6 12.78 -8.73 10.47
C ILE B 6 13.10 -10.03 9.74
N SER B 7 12.13 -10.93 9.67
CA SER B 7 12.34 -12.20 8.98
C SER B 7 11.54 -12.21 7.68
N ALA B 8 12.02 -12.97 6.71
CA ALA B 8 11.35 -13.08 5.42
C ALA B 8 9.95 -13.66 5.64
N ILE B 9 8.95 -13.02 5.06
CA ILE B 9 7.57 -13.52 5.21
C ILE B 9 7.42 -14.83 4.44
N ASN B 10 6.64 -15.76 5.00
CA ASN B 10 6.40 -17.06 4.38
C ASN B 10 4.89 -17.28 4.21
N TRP B 11 4.38 -17.20 2.98
CA TRP B 11 2.95 -17.38 2.77
C TRP B 11 2.48 -18.83 2.72
N ASN B 12 3.41 -19.75 2.94
CA ASN B 12 3.10 -21.17 2.97
C ASN B 12 3.13 -21.66 4.42
N LYS B 13 3.06 -20.69 5.34
CA LYS B 13 3.02 -20.95 6.78
C LYS B 13 2.07 -19.91 7.40
N ILE B 14 0.85 -19.87 6.89
CA ILE B 14 -0.17 -18.94 7.37
C ILE B 14 -0.40 -19.23 8.86
N GLN B 15 -0.53 -18.18 9.67
CA GLN B 15 -0.73 -18.35 11.10
C GLN B 15 -2.22 -18.18 11.45
N ASP B 16 -2.97 -17.59 10.52
CA ASP B 16 -4.41 -17.43 10.69
C ASP B 16 -5.01 -17.39 9.29
N ASP B 17 -5.73 -18.46 8.94
CA ASP B 17 -6.35 -18.56 7.62
C ASP B 17 -7.04 -17.30 7.15
N LYS B 18 -7.71 -16.59 8.04
CA LYS B 18 -8.40 -15.37 7.63
C LYS B 18 -7.48 -14.28 7.03
N ASP B 19 -6.20 -14.30 7.37
CA ASP B 19 -5.27 -13.32 6.81
C ASP B 19 -5.13 -13.60 5.30
N LEU B 20 -5.04 -14.88 4.95
CA LEU B 20 -4.92 -15.25 3.55
C LEU B 20 -6.23 -14.99 2.80
N GLU B 21 -7.35 -15.30 3.43
CA GLU B 21 -8.66 -15.06 2.82
C GLU B 21 -8.82 -13.60 2.44
N VAL B 22 -8.65 -12.72 3.41
CA VAL B 22 -8.79 -11.30 3.17
C VAL B 22 -7.79 -10.80 2.14
N TRP B 23 -6.54 -11.26 2.23
CA TRP B 23 -5.53 -10.85 1.25
C TRP B 23 -6.02 -11.21 -0.16
N ASN B 24 -6.46 -12.45 -0.34
CA ASN B 24 -6.93 -12.85 -1.67
C ASN B 24 -8.15 -12.06 -2.13
N ARG B 25 -9.11 -11.84 -1.24
CA ARG B 25 -10.32 -11.10 -1.63
C ARG B 25 -10.05 -9.65 -2.02
N LEU B 26 -9.25 -8.94 -1.22
CA LEU B 26 -8.92 -7.55 -1.52
C LEU B 26 -8.04 -7.36 -2.76
N THR B 27 -7.05 -8.24 -2.94
CA THR B 27 -6.19 -8.12 -4.11
C THR B 27 -6.99 -8.55 -5.35
N SER B 28 -7.83 -9.57 -5.22
CA SER B 28 -8.67 -10.03 -6.35
C SER B 28 -9.61 -8.91 -6.81
N ASN B 29 -10.06 -8.09 -5.86
CA ASN B 29 -10.96 -6.98 -6.14
C ASN B 29 -10.27 -5.66 -6.52
N PHE B 30 -8.99 -5.71 -6.89
CA PHE B 30 -8.29 -4.50 -7.28
C PHE B 30 -9.03 -3.76 -8.40
N TRP B 31 -8.94 -2.44 -8.39
CA TRP B 31 -9.59 -1.63 -9.41
C TRP B 31 -9.10 -0.18 -9.34
N LEU B 32 -9.35 0.57 -10.41
CA LEU B 32 -8.96 1.98 -10.50
C LEU B 32 -10.15 2.73 -11.08
N PRO B 33 -10.28 4.02 -10.75
CA PRO B 33 -11.40 4.81 -11.27
C PRO B 33 -11.45 4.88 -12.81
N GLU B 34 -10.30 4.68 -13.44
CA GLU B 34 -10.18 4.72 -14.90
C GLU B 34 -11.00 3.60 -15.52
N LYS B 35 -11.21 2.54 -14.77
CA LYS B 35 -11.94 1.38 -15.25
C LYS B 35 -13.46 1.61 -15.26
N VAL B 36 -13.87 2.81 -14.84
CA VAL B 36 -15.28 3.16 -14.81
C VAL B 36 -15.62 4.27 -15.81
N PRO B 37 -16.51 3.98 -16.76
CA PRO B 37 -16.92 4.95 -17.79
C PRO B 37 -17.73 6.07 -17.14
N LEU B 38 -17.08 6.83 -16.27
CA LEU B 38 -17.75 7.92 -15.58
C LEU B 38 -18.42 8.89 -16.54
N SER B 39 -17.75 9.19 -17.65
CA SER B 39 -18.27 10.12 -18.64
C SER B 39 -19.73 9.88 -19.04
N ASN B 40 -20.13 8.61 -19.10
CA ASN B 40 -21.52 8.27 -19.46
C ASN B 40 -22.56 8.84 -18.48
N ASP B 41 -22.09 9.54 -17.45
CA ASP B 41 -22.96 10.16 -16.46
C ASP B 41 -23.12 11.65 -16.68
N ILE B 42 -22.30 12.20 -17.57
CA ILE B 42 -22.33 13.62 -17.87
C ILE B 42 -23.73 14.12 -18.21
N PRO B 43 -24.44 13.45 -19.12
CA PRO B 43 -25.79 13.90 -19.47
C PRO B 43 -26.73 13.99 -18.27
N ALA B 44 -26.84 12.89 -17.52
CA ALA B 44 -27.71 12.85 -16.36
C ALA B 44 -27.33 13.87 -15.29
N TRP B 45 -26.06 14.22 -15.21
CA TRP B 45 -25.60 15.17 -14.22
C TRP B 45 -26.25 16.56 -14.33
N GLN B 46 -26.44 17.05 -15.56
CA GLN B 46 -27.06 18.36 -15.73
C GLN B 46 -28.56 18.38 -15.42
N THR B 47 -29.14 17.22 -15.14
CA THR B 47 -30.56 17.15 -14.81
C THR B 47 -30.78 17.50 -13.33
N LEU B 48 -29.69 17.89 -12.66
CA LEU B 48 -29.75 18.26 -11.25
C LEU B 48 -29.65 19.76 -11.02
N SER B 49 -30.37 20.23 -10.00
CA SER B 49 -30.37 21.64 -9.65
C SER B 49 -29.00 22.02 -9.10
N ALA B 50 -28.76 23.32 -8.93
CA ALA B 50 -27.49 23.82 -8.41
C ALA B 50 -27.27 23.42 -6.96
N ALA B 51 -28.37 23.22 -6.23
CA ALA B 51 -28.30 22.84 -4.81
C ALA B 51 -27.85 21.38 -4.66
N GLU B 52 -28.44 20.50 -5.46
CA GLU B 52 -28.12 19.07 -5.42
C GLU B 52 -26.65 18.86 -5.77
N GLN B 53 -26.24 19.46 -6.88
CA GLN B 53 -24.86 19.35 -7.33
C GLN B 53 -23.87 19.77 -6.24
N GLN B 54 -24.13 20.94 -5.64
CA GLN B 54 -23.25 21.43 -4.58
C GLN B 54 -23.21 20.46 -3.41
N LEU B 55 -24.38 19.96 -3.02
CA LEU B 55 -24.49 19.02 -1.92
C LEU B 55 -23.59 17.83 -2.23
N THR B 56 -23.84 17.19 -3.37
CA THR B 56 -23.07 16.03 -3.82
C THR B 56 -21.57 16.26 -3.74
N ILE B 57 -21.12 17.37 -4.29
CA ILE B 57 -19.70 17.69 -4.30
C ILE B 57 -19.11 17.85 -2.89
N ARG B 58 -19.90 18.37 -1.96
CA ARG B 58 -19.43 18.54 -0.59
C ARG B 58 -19.34 17.21 0.14
N VAL B 59 -20.32 16.34 -0.11
CA VAL B 59 -20.33 15.03 0.51
C VAL B 59 -19.06 14.28 0.08
N PHE B 60 -18.78 14.31 -1.22
CA PHE B 60 -17.61 13.63 -1.76
C PHE B 60 -16.30 14.24 -1.26
N THR B 61 -16.30 15.53 -0.98
CA THR B 61 -15.10 16.19 -0.47
C THR B 61 -14.84 15.73 0.96
N GLY B 62 -15.91 15.60 1.75
CA GLY B 62 -15.77 15.15 3.12
C GLY B 62 -15.23 13.74 3.13
N LEU B 63 -15.76 12.90 2.25
CA LEU B 63 -15.34 11.52 2.13
C LEU B 63 -13.88 11.46 1.69
N THR B 64 -13.49 12.39 0.82
CA THR B 64 -12.11 12.45 0.33
C THR B 64 -11.17 12.74 1.51
N LEU B 65 -11.64 13.55 2.45
CA LEU B 65 -10.86 13.90 3.62
C LEU B 65 -10.62 12.68 4.51
N LEU B 66 -11.67 11.88 4.72
CA LEU B 66 -11.58 10.69 5.54
C LEU B 66 -10.62 9.63 4.95
N ASP B 67 -10.74 9.34 3.66
CA ASP B 67 -9.85 8.37 3.02
C ASP B 67 -8.40 8.81 3.07
N THR B 68 -8.16 10.10 2.83
CA THR B 68 -6.81 10.62 2.86
C THR B 68 -6.22 10.31 4.23
N ILE B 69 -7.05 10.45 5.26
CA ILE B 69 -6.64 10.17 6.63
C ILE B 69 -6.38 8.68 6.79
N GLN B 70 -7.33 7.87 6.34
CA GLN B 70 -7.22 6.42 6.45
C GLN B 70 -5.97 5.91 5.71
N ASN B 71 -5.66 6.55 4.59
CA ASN B 71 -4.50 6.17 3.77
C ASN B 71 -3.16 6.49 4.42
N ILE B 72 -3.07 7.70 4.97
CA ILE B 72 -1.83 8.17 5.58
C ILE B 72 -1.69 8.00 7.09
N ALA B 73 -2.82 7.99 7.80
CA ALA B 73 -2.78 7.87 9.26
C ALA B 73 -3.46 6.61 9.81
N GLY B 74 -4.63 6.29 9.31
CA GLY B 74 -5.34 5.12 9.79
C GLY B 74 -4.62 3.82 9.53
N ALA B 75 -4.92 3.21 8.39
CA ALA B 75 -4.31 1.94 8.01
C ALA B 75 -2.86 1.80 8.48
N PRO B 76 -2.03 2.84 8.27
CA PRO B 76 -0.62 2.82 8.69
C PRO B 76 -0.39 2.70 10.20
N SER B 77 -1.28 3.26 11.01
CA SER B 77 -1.11 3.19 12.45
C SER B 77 -1.52 1.82 12.99
N LEU B 78 -2.34 1.10 12.22
CA LEU B 78 -2.78 -0.22 12.63
C LEU B 78 -1.68 -1.24 12.35
N MET B 79 -0.72 -0.81 11.53
CA MET B 79 0.42 -1.64 11.16
C MET B 79 1.19 -2.18 12.36
N ALA B 80 1.64 -1.27 13.23
CA ALA B 80 2.41 -1.63 14.41
C ALA B 80 1.68 -2.60 15.32
N ASP B 81 0.37 -2.74 15.15
CA ASP B 81 -0.43 -3.62 15.99
C ASP B 81 -0.76 -4.98 15.37
N ALA B 82 -0.24 -5.24 14.18
CA ALA B 82 -0.53 -6.51 13.53
C ALA B 82 0.00 -7.62 14.42
N ILE B 83 -0.63 -8.78 14.36
CA ILE B 83 -0.18 -9.90 15.18
C ILE B 83 0.37 -11.05 14.33
N THR B 84 0.42 -10.85 13.00
CA THR B 84 0.98 -11.84 12.08
C THR B 84 1.60 -11.05 10.93
N PRO B 85 2.65 -11.60 10.28
CA PRO B 85 3.30 -10.90 9.18
C PRO B 85 2.34 -10.67 8.01
N HIS B 86 1.44 -11.62 7.82
CA HIS B 86 0.48 -11.56 6.72
C HIS B 86 -0.52 -10.42 6.91
N GLU B 87 -0.87 -10.13 8.16
CA GLU B 87 -1.80 -9.04 8.49
C GLU B 87 -1.14 -7.71 8.09
N GLU B 88 0.17 -7.60 8.31
CA GLU B 88 0.91 -6.38 7.97
C GLU B 88 0.83 -6.13 6.47
N ALA B 89 1.01 -7.19 5.67
CA ALA B 89 0.95 -7.06 4.22
C ALA B 89 -0.48 -6.70 3.80
N VAL B 90 -1.47 -7.24 4.50
CA VAL B 90 -2.88 -6.97 4.22
C VAL B 90 -3.21 -5.50 4.50
N LEU B 91 -2.70 -4.99 5.60
CA LEU B 91 -2.94 -3.60 5.96
C LEU B 91 -2.29 -2.67 4.93
N SER B 92 -1.17 -3.08 4.34
CA SER B 92 -0.52 -2.22 3.35
C SER B 92 -1.39 -2.17 2.08
N ASN B 93 -2.11 -3.25 1.81
CA ASN B 93 -3.00 -3.23 0.66
C ASN B 93 -4.17 -2.31 0.96
N ILE B 94 -4.70 -2.44 2.17
CA ILE B 94 -5.82 -1.60 2.57
C ILE B 94 -5.41 -0.13 2.47
N SER B 95 -4.25 0.22 3.01
CA SER B 95 -3.78 1.60 2.94
C SER B 95 -3.70 2.10 1.50
N PHE B 96 -3.22 1.25 0.58
CA PHE B 96 -3.11 1.63 -0.81
C PHE B 96 -4.49 1.88 -1.41
N MET B 97 -5.40 0.94 -1.21
CA MET B 97 -6.73 1.11 -1.76
C MET B 97 -7.43 2.36 -1.21
N GLU B 98 -7.04 2.81 -0.01
CA GLU B 98 -7.66 4.02 0.52
C GLU B 98 -7.25 5.20 -0.37
N ALA B 99 -6.04 5.16 -0.91
CA ALA B 99 -5.58 6.22 -1.79
C ALA B 99 -6.38 6.16 -3.10
N VAL B 100 -6.66 4.96 -3.58
CA VAL B 100 -7.45 4.78 -4.79
C VAL B 100 -8.86 5.33 -4.55
N HIS B 101 -9.43 5.02 -3.38
CA HIS B 101 -10.76 5.51 -3.06
C HIS B 101 -10.78 7.04 -3.14
N ALA B 102 -9.89 7.67 -2.39
CA ALA B 102 -9.79 9.12 -2.38
C ALA B 102 -9.58 9.69 -3.79
N ARG B 103 -8.64 9.10 -4.52
CA ARG B 103 -8.35 9.57 -5.87
C ARG B 103 -9.60 9.47 -6.74
N SER B 104 -10.42 8.46 -6.50
CA SER B 104 -11.63 8.28 -7.26
C SER B 104 -12.56 9.50 -7.24
N TYR B 105 -12.61 10.20 -6.12
CA TYR B 105 -13.47 11.36 -6.03
C TYR B 105 -13.01 12.50 -6.93
N SER B 106 -11.70 12.69 -7.06
CA SER B 106 -11.18 13.74 -7.95
C SER B 106 -11.52 13.36 -9.38
N SER B 107 -11.59 12.06 -9.66
CA SER B 107 -11.95 11.60 -10.99
C SER B 107 -13.37 12.05 -11.28
N ILE B 108 -14.26 11.77 -10.34
CA ILE B 108 -15.66 12.14 -10.48
C ILE B 108 -15.82 13.65 -10.69
N PHE B 109 -15.06 14.45 -9.93
CA PHE B 109 -15.15 15.90 -10.10
C PHE B 109 -14.61 16.30 -11.46
N SER B 110 -13.48 15.75 -11.85
CA SER B 110 -12.88 16.06 -13.14
C SER B 110 -13.82 15.74 -14.29
N THR B 111 -14.51 14.60 -14.19
CA THR B 111 -15.42 14.16 -15.23
C THR B 111 -16.79 14.84 -15.22
N LEU B 112 -17.21 15.39 -14.08
CA LEU B 112 -18.53 16.00 -14.02
C LEU B 112 -18.66 17.39 -13.39
N CYS B 113 -17.56 18.06 -13.06
CA CYS B 113 -17.72 19.35 -12.40
C CYS B 113 -16.87 20.49 -12.96
N GLN B 114 -17.03 21.67 -12.38
CA GLN B 114 -16.29 22.84 -12.82
C GLN B 114 -15.31 23.29 -11.74
N THR B 115 -14.05 23.48 -12.16
CA THR B 115 -12.97 23.88 -11.27
C THR B 115 -13.39 24.81 -10.12
N LYS B 116 -13.91 25.98 -10.45
CA LYS B 116 -14.35 26.95 -9.45
C LYS B 116 -15.29 26.29 -8.45
N GLU B 117 -16.22 25.51 -8.99
CA GLU B 117 -17.23 24.79 -8.22
C GLU B 117 -16.64 23.73 -7.29
N VAL B 118 -15.56 23.09 -7.74
CA VAL B 118 -14.89 22.05 -6.95
C VAL B 118 -14.04 22.65 -5.83
N ASP B 119 -13.29 23.71 -6.17
CA ASP B 119 -12.45 24.38 -5.18
C ASP B 119 -13.33 25.00 -4.10
N ALA B 120 -14.62 25.12 -4.39
CA ALA B 120 -15.59 25.68 -3.45
C ALA B 120 -15.84 24.70 -2.31
N ALA B 121 -15.95 23.42 -2.65
CA ALA B 121 -16.20 22.37 -1.66
C ALA B 121 -14.97 22.17 -0.76
N TYR B 122 -13.77 22.28 -1.35
CA TYR B 122 -12.53 22.12 -0.58
C TYR B 122 -12.38 23.17 0.51
N ALA B 123 -12.69 24.42 0.18
CA ALA B 123 -12.59 25.51 1.14
C ALA B 123 -13.61 25.28 2.25
N TRP B 124 -14.76 24.74 1.85
CA TRP B 124 -15.85 24.44 2.77
C TRP B 124 -15.45 23.39 3.81
N SER B 125 -14.79 22.32 3.35
CA SER B 125 -14.35 21.24 4.23
C SER B 125 -13.27 21.71 5.20
N GLU B 126 -12.45 22.66 4.75
CA GLU B 126 -11.38 23.20 5.58
C GLU B 126 -11.90 24.03 6.74
N GLU B 127 -13.21 24.18 6.86
CA GLU B 127 -13.77 24.97 7.94
C GLU B 127 -15.11 24.48 8.49
N ASN B 128 -15.74 23.54 7.78
CA ASN B 128 -17.02 23.01 8.23
C ASN B 128 -16.84 22.41 9.62
N PRO B 129 -17.45 23.04 10.65
CA PRO B 129 -17.35 22.57 12.02
C PRO B 129 -17.50 21.05 12.26
N PRO B 130 -18.61 20.44 11.82
CA PRO B 130 -18.75 19.00 12.05
C PRO B 130 -17.59 18.20 11.45
N LEU B 131 -17.43 18.29 10.13
CA LEU B 131 -16.37 17.58 9.43
C LEU B 131 -14.99 17.65 10.11
N GLN B 132 -14.52 18.86 10.39
CA GLN B 132 -13.22 19.04 11.03
C GLN B 132 -13.15 18.41 12.42
N ARG B 133 -14.30 18.30 13.08
CA ARG B 133 -14.35 17.71 14.41
C ARG B 133 -14.29 16.18 14.37
N LYS B 134 -15.01 15.57 13.44
CA LYS B 134 -14.99 14.11 13.34
C LYS B 134 -13.56 13.71 12.95
N ALA B 135 -12.96 14.49 12.06
CA ALA B 135 -11.59 14.21 11.62
C ALA B 135 -10.61 14.35 12.78
N GLN B 136 -10.88 15.33 13.64
CA GLN B 136 -10.06 15.60 14.80
C GLN B 136 -10.14 14.45 15.81
N ILE B 137 -11.37 13.98 16.04
CA ILE B 137 -11.61 12.88 16.98
C ILE B 137 -10.87 11.60 16.58
N ILE B 138 -11.23 11.05 15.43
CA ILE B 138 -10.60 9.83 14.93
C ILE B 138 -9.08 9.93 14.84
N LEU B 139 -8.59 11.05 14.30
CA LEU B 139 -7.16 11.26 14.13
C LEU B 139 -6.38 11.27 15.45
N ALA B 140 -7.04 11.71 16.53
CA ALA B 140 -6.41 11.77 17.84
C ALA B 140 -6.07 10.36 18.36
N HIS B 141 -6.91 9.40 18.02
CA HIS B 141 -6.72 8.01 18.43
C HIS B 141 -5.60 7.35 17.65
N TYR B 142 -5.58 7.59 16.33
CA TYR B 142 -4.56 7.02 15.46
C TYR B 142 -3.15 7.42 15.88
N VAL B 143 -3.03 8.60 16.48
CA VAL B 143 -1.74 9.11 16.93
C VAL B 143 -1.31 8.53 18.28
N SER B 144 -2.28 8.14 19.10
CA SER B 144 -1.99 7.59 20.43
C SER B 144 -1.42 6.16 20.38
N ASP B 145 -1.22 5.60 21.57
CA ASP B 145 -0.70 4.25 21.70
C ASP B 145 -1.72 3.28 22.30
N GLU B 146 -2.99 3.51 21.98
CA GLU B 146 -4.10 2.68 22.42
C GLU B 146 -4.50 1.84 21.21
N PRO B 147 -3.80 0.72 20.97
CA PRO B 147 -4.08 -0.15 19.83
C PRO B 147 -5.53 -0.54 19.59
N LEU B 148 -6.22 -0.99 20.64
CA LEU B 148 -7.60 -1.39 20.45
C LEU B 148 -8.55 -0.23 20.21
N LYS B 149 -8.26 0.93 20.79
CA LYS B 149 -9.12 2.08 20.56
C LYS B 149 -8.95 2.51 19.10
N LYS B 150 -7.73 2.38 18.57
CA LYS B 150 -7.49 2.73 17.17
C LYS B 150 -8.35 1.82 16.29
N LYS B 151 -8.45 0.55 16.64
CA LYS B 151 -9.26 -0.36 15.83
C LYS B 151 -10.75 -0.02 15.93
N ILE B 152 -11.21 0.37 17.12
CA ILE B 152 -12.62 0.74 17.28
C ILE B 152 -12.88 1.97 16.41
N ALA B 153 -11.99 2.96 16.51
CA ALA B 153 -12.12 4.18 15.73
C ALA B 153 -12.14 3.90 14.23
N SER B 154 -11.21 3.08 13.73
CA SER B 154 -11.20 2.82 12.30
C SER B 154 -12.44 2.06 11.84
N VAL B 155 -12.99 1.20 12.69
CA VAL B 155 -14.19 0.47 12.29
C VAL B 155 -15.35 1.45 12.21
N PHE B 156 -15.37 2.42 13.10
CA PHE B 156 -16.42 3.45 13.12
C PHE B 156 -16.27 4.34 11.87
N LEU B 157 -15.03 4.66 11.53
CA LEU B 157 -14.74 5.49 10.37
C LEU B 157 -15.13 4.83 9.06
N GLU B 158 -15.00 3.51 8.99
CA GLU B 158 -15.32 2.78 7.76
C GLU B 158 -16.73 2.20 7.68
N SER B 159 -17.21 1.55 8.73
CA SER B 159 -18.55 0.96 8.69
C SER B 159 -19.68 1.91 9.07
N PHE B 160 -19.35 3.08 9.63
CA PHE B 160 -20.37 4.05 10.02
C PHE B 160 -20.23 5.39 9.30
N LEU B 161 -19.20 6.14 9.67
CA LEU B 161 -18.97 7.45 9.07
C LEU B 161 -19.00 7.43 7.56
N PHE B 162 -18.34 6.45 6.95
CA PHE B 162 -18.31 6.38 5.51
C PHE B 162 -19.65 6.06 4.85
N TYR B 163 -20.20 4.88 5.10
CA TYR B 163 -21.48 4.51 4.49
C TYR B 163 -22.53 5.61 4.59
N SER B 164 -22.45 6.42 5.64
CA SER B 164 -23.40 7.51 5.83
C SER B 164 -23.45 8.51 4.68
N GLY B 165 -22.42 8.52 3.85
CA GLY B 165 -22.37 9.43 2.72
C GLY B 165 -22.77 8.78 1.42
N PHE B 166 -22.64 7.46 1.36
CA PHE B 166 -22.98 6.68 0.17
C PHE B 166 -24.47 6.62 -0.13
N TRP B 167 -25.29 7.10 0.80
CA TRP B 167 -26.74 7.08 0.61
C TRP B 167 -27.13 7.76 -0.70
N LEU B 168 -26.78 9.04 -0.82
CA LEU B 168 -27.11 9.84 -1.99
C LEU B 168 -26.85 9.15 -3.33
N PRO B 169 -25.60 8.75 -3.60
CA PRO B 169 -25.26 8.08 -4.86
C PRO B 169 -26.11 6.86 -5.13
N MET B 170 -26.44 6.12 -4.08
CA MET B 170 -27.23 4.91 -4.22
C MET B 170 -28.70 5.21 -4.51
N TYR B 171 -29.15 6.40 -4.17
CA TYR B 171 -30.54 6.78 -4.44
C TYR B 171 -30.66 7.02 -5.94
N PHE B 172 -29.73 7.80 -6.48
CA PHE B 172 -29.71 8.10 -7.89
C PHE B 172 -29.69 6.81 -8.69
N SER B 173 -29.01 5.79 -8.16
CA SER B 173 -28.93 4.50 -8.83
C SER B 173 -30.32 3.90 -8.99
N SER B 174 -31.07 3.84 -7.90
CA SER B 174 -32.43 3.30 -7.94
C SER B 174 -33.28 4.11 -8.92
N ARG B 175 -33.23 5.43 -8.78
CA ARG B 175 -33.97 6.33 -9.66
C ARG B 175 -33.57 6.08 -11.11
N GLY B 176 -32.28 6.25 -11.39
CA GLY B 176 -31.78 6.04 -12.75
C GLY B 176 -30.64 6.97 -13.10
N LYS B 177 -30.39 7.97 -12.26
CA LYS B 177 -29.32 8.94 -12.50
C LYS B 177 -27.95 8.50 -11.96
N LEU B 178 -26.90 8.98 -12.62
CA LEU B 178 -25.53 8.69 -12.24
C LEU B 178 -25.32 7.20 -11.95
N THR B 179 -25.57 6.37 -12.96
CA THR B 179 -25.45 4.93 -12.84
C THR B 179 -24.02 4.40 -12.80
N ASN B 180 -23.09 5.11 -13.46
CA ASN B 180 -21.70 4.68 -13.47
C ASN B 180 -21.01 5.06 -12.17
N THR B 181 -21.37 6.22 -11.63
CA THR B 181 -20.78 6.65 -10.37
C THR B 181 -21.25 5.65 -9.31
N ALA B 182 -22.46 5.15 -9.48
CA ALA B 182 -23.02 4.17 -8.55
C ALA B 182 -22.20 2.89 -8.61
N ASP B 183 -21.72 2.53 -9.80
CA ASP B 183 -20.90 1.33 -9.94
C ASP B 183 -19.59 1.53 -9.19
N LEU B 184 -19.03 2.74 -9.33
CA LEU B 184 -17.78 3.07 -8.68
C LEU B 184 -17.95 2.98 -7.16
N ILE B 185 -18.95 3.68 -6.64
CA ILE B 185 -19.21 3.67 -5.21
C ILE B 185 -19.37 2.24 -4.71
N ARG B 186 -19.96 1.40 -5.54
CA ARG B 186 -20.16 -0.01 -5.20
C ARG B 186 -18.81 -0.70 -5.00
N LEU B 187 -17.83 -0.34 -5.83
CA LEU B 187 -16.50 -0.92 -5.74
C LEU B 187 -15.84 -0.46 -4.44
N ILE B 188 -16.05 0.80 -4.07
CA ILE B 188 -15.50 1.32 -2.82
C ILE B 188 -16.14 0.61 -1.64
N ILE B 189 -17.43 0.33 -1.76
CA ILE B 189 -18.16 -0.36 -0.71
C ILE B 189 -17.71 -1.81 -0.59
N ARG B 190 -17.43 -2.44 -1.73
CA ARG B 190 -16.98 -3.83 -1.71
C ARG B 190 -15.66 -3.93 -0.92
N ASP B 191 -14.88 -2.84 -0.91
CA ASP B 191 -13.63 -2.79 -0.17
C ASP B 191 -13.93 -2.45 1.29
N GLU B 192 -14.68 -1.39 1.48
CA GLU B 192 -15.02 -0.91 2.81
C GLU B 192 -15.62 -1.98 3.71
N ALA B 193 -16.48 -2.83 3.15
CA ALA B 193 -17.12 -3.89 3.91
C ALA B 193 -16.13 -4.91 4.45
N VAL B 194 -15.09 -5.20 3.66
CA VAL B 194 -14.08 -6.15 4.09
C VAL B 194 -13.16 -5.48 5.12
N HIS B 195 -12.85 -4.21 4.91
CA HIS B 195 -11.99 -3.47 5.83
C HIS B 195 -12.53 -3.48 7.27
N GLY B 196 -13.81 -3.14 7.44
CA GLY B 196 -14.42 -3.11 8.76
C GLY B 196 -14.51 -4.50 9.36
N TYR B 197 -14.88 -5.45 8.52
CA TYR B 197 -14.98 -6.84 8.94
C TYR B 197 -13.62 -7.36 9.47
N TYR B 198 -12.57 -7.18 8.67
CA TYR B 198 -11.25 -7.67 9.03
C TYR B 198 -10.69 -7.01 10.29
N ILE B 199 -10.68 -5.68 10.32
CA ILE B 199 -10.18 -4.96 11.48
C ILE B 199 -11.04 -5.24 12.71
N GLY B 200 -12.34 -5.40 12.51
CA GLY B 200 -13.22 -5.71 13.62
C GLY B 200 -12.88 -7.12 14.11
N TYR B 201 -12.49 -7.97 13.17
CA TYR B 201 -12.10 -9.34 13.46
C TYR B 201 -10.85 -9.35 14.36
N LYS B 202 -9.84 -8.57 13.96
CA LYS B 202 -8.59 -8.49 14.72
C LYS B 202 -8.81 -7.86 16.10
N TYR B 203 -9.79 -6.98 16.18
CA TYR B 203 -10.12 -6.31 17.44
C TYR B 203 -10.59 -7.37 18.42
N GLN B 204 -11.51 -8.21 17.97
CA GLN B 204 -12.05 -9.27 18.80
C GLN B 204 -10.98 -10.28 19.24
N ILE B 205 -9.98 -10.53 18.40
CA ILE B 205 -8.93 -11.46 18.79
C ILE B 205 -8.19 -10.84 19.97
N ALA B 206 -7.95 -9.54 19.88
CA ALA B 206 -7.24 -8.83 20.93
C ALA B 206 -8.02 -8.77 22.25
N LEU B 207 -9.35 -8.70 22.16
CA LEU B 207 -10.19 -8.66 23.35
C LEU B 207 -10.12 -9.89 24.23
N GLN B 208 -10.16 -11.06 23.62
CA GLN B 208 -10.12 -12.32 24.34
C GLN B 208 -8.90 -12.39 25.25
N LYS B 209 -7.84 -11.69 24.86
CA LYS B 209 -6.61 -11.68 25.62
C LYS B 209 -6.57 -10.69 26.79
N LEU B 210 -7.59 -9.85 26.91
CA LEU B 210 -7.65 -8.87 27.99
C LEU B 210 -8.45 -9.39 29.19
N SER B 211 -8.34 -8.71 30.32
CA SER B 211 -9.06 -9.11 31.52
C SER B 211 -10.54 -8.76 31.33
N ALA B 212 -11.40 -9.43 32.09
CA ALA B 212 -12.83 -9.22 32.01
C ALA B 212 -13.22 -7.76 32.26
N ILE B 213 -12.53 -7.10 33.17
CA ILE B 213 -12.83 -5.71 33.49
C ILE B 213 -12.42 -4.78 32.36
N GLU B 214 -11.28 -5.09 31.73
CA GLU B 214 -10.82 -4.27 30.61
C GLU B 214 -11.74 -4.37 29.41
N ARG B 215 -12.31 -5.55 29.19
CA ARG B 215 -13.22 -5.69 28.06
C ARG B 215 -14.45 -4.81 28.27
N GLU B 216 -14.94 -4.77 29.51
CA GLU B 216 -16.11 -3.93 29.80
C GLU B 216 -15.75 -2.47 29.62
N GLU B 217 -14.55 -2.11 30.04
CA GLU B 217 -14.05 -0.76 29.91
C GLU B 217 -14.07 -0.34 28.43
N LEU B 218 -13.50 -1.17 27.56
CA LEU B 218 -13.48 -0.90 26.12
C LEU B 218 -14.89 -0.89 25.55
N LYS B 219 -15.69 -1.85 25.97
CA LYS B 219 -17.06 -1.96 25.50
C LYS B 219 -17.82 -0.66 25.77
N LEU B 220 -17.56 -0.05 26.91
CA LEU B 220 -18.22 1.19 27.26
C LEU B 220 -17.62 2.32 26.42
N PHE B 221 -16.29 2.34 26.35
CA PHE B 221 -15.57 3.35 25.56
C PHE B 221 -16.10 3.39 24.14
N ALA B 222 -16.46 2.23 23.61
CA ALA B 222 -16.97 2.13 22.24
C ALA B 222 -18.24 2.94 22.07
N LEU B 223 -19.19 2.73 22.98
CA LEU B 223 -20.46 3.44 22.94
C LEU B 223 -20.28 4.93 23.12
N ASP B 224 -19.33 5.31 23.97
CA ASP B 224 -19.03 6.71 24.24
C ASP B 224 -18.43 7.40 23.02
N LEU B 225 -17.68 6.66 22.21
CA LEU B 225 -17.06 7.19 21.00
C LEU B 225 -18.09 7.22 19.87
N LEU B 226 -18.92 6.18 19.81
CA LEU B 226 -19.94 6.10 18.78
C LEU B 226 -20.94 7.24 18.88
N MET B 227 -21.41 7.51 20.10
CA MET B 227 -22.38 8.59 20.31
C MET B 227 -21.80 9.97 20.02
N GLU B 228 -20.57 10.21 20.46
CA GLU B 228 -19.92 11.49 20.23
C GLU B 228 -19.79 11.75 18.72
N LEU B 229 -19.53 10.70 17.95
CA LEU B 229 -19.40 10.84 16.50
C LEU B 229 -20.79 10.89 15.89
N TYR B 230 -21.74 10.21 16.55
CA TYR B 230 -23.11 10.17 16.09
C TYR B 230 -23.75 11.55 16.11
N ASP B 231 -23.67 12.22 17.25
CA ASP B 231 -24.27 13.55 17.40
C ASP B 231 -23.52 14.56 16.52
N ASN B 232 -22.22 14.35 16.34
CA ASN B 232 -21.43 15.23 15.50
C ASN B 232 -21.84 14.95 14.06
N GLU B 233 -22.24 13.71 13.80
CA GLU B 233 -22.66 13.31 12.47
C GLU B 233 -24.05 13.89 12.20
N ILE B 234 -24.89 13.90 13.24
CA ILE B 234 -26.25 14.45 13.13
C ILE B 234 -26.17 15.92 12.74
N ARG B 235 -25.26 16.65 13.37
CA ARG B 235 -25.06 18.07 13.10
C ARG B 235 -24.55 18.28 11.68
N TYR B 236 -23.81 17.29 11.18
CA TYR B 236 -23.26 17.35 9.84
C TYR B 236 -24.40 17.11 8.83
N THR B 237 -25.28 16.18 9.16
CA THR B 237 -26.41 15.84 8.29
C THR B 237 -27.46 16.95 8.22
N GLU B 238 -27.83 17.48 9.38
CA GLU B 238 -28.84 18.54 9.42
C GLU B 238 -28.44 19.76 8.60
N ALA B 239 -27.13 19.96 8.44
CA ALA B 239 -26.61 21.10 7.68
C ALA B 239 -26.65 20.88 6.17
N LEU B 240 -25.82 19.97 5.67
CA LEU B 240 -25.76 19.70 4.24
C LEU B 240 -27.08 19.37 3.57
N TYR B 241 -27.76 18.33 4.07
CA TYR B 241 -29.01 17.91 3.49
C TYR B 241 -30.19 18.81 3.89
N ALA B 242 -29.88 19.93 4.55
CA ALA B 242 -30.91 20.86 5.01
C ALA B 242 -31.94 21.14 3.93
N GLU B 243 -31.51 21.85 2.88
CA GLU B 243 -32.39 22.18 1.76
C GLU B 243 -33.23 20.98 1.32
N THR B 244 -32.63 20.17 0.46
CA THR B 244 -33.25 18.97 -0.10
C THR B 244 -34.50 18.49 0.64
N GLY B 245 -34.33 18.11 1.89
CA GLY B 245 -35.45 17.62 2.66
C GLY B 245 -35.36 16.11 2.81
N TRP B 246 -34.12 15.62 2.89
CA TRP B 246 -33.86 14.19 3.05
C TRP B 246 -33.11 13.91 4.36
N VAL B 247 -32.85 14.95 5.13
CA VAL B 247 -32.15 14.82 6.39
C VAL B 247 -32.66 13.63 7.20
N ASN B 248 -33.98 13.41 7.16
CA ASN B 248 -34.58 12.30 7.88
C ASN B 248 -34.11 10.97 7.32
N ASP B 249 -34.07 10.87 6.00
CA ASP B 249 -33.62 9.64 5.32
C ASP B 249 -32.22 9.30 5.80
N VAL B 250 -31.37 10.33 5.89
CA VAL B 250 -29.99 10.18 6.30
C VAL B 250 -29.86 9.85 7.78
N LYS B 251 -30.61 10.55 8.64
CA LYS B 251 -30.57 10.29 10.07
C LYS B 251 -30.91 8.83 10.34
N ALA B 252 -31.78 8.27 9.49
CA ALA B 252 -32.18 6.88 9.62
C ALA B 252 -31.08 5.96 9.10
N PHE B 253 -30.31 6.47 8.14
CA PHE B 253 -29.23 5.70 7.56
C PHE B 253 -28.07 5.66 8.56
N LEU B 254 -27.81 6.80 9.21
CA LEU B 254 -26.74 6.88 10.18
C LEU B 254 -26.86 5.76 11.22
N CYS B 255 -28.07 5.57 11.75
CA CYS B 255 -28.32 4.55 12.75
C CYS B 255 -28.10 3.12 12.22
N TYR B 256 -28.55 2.87 10.99
CA TYR B 256 -28.42 1.56 10.36
C TYR B 256 -26.97 1.06 10.33
N ASN B 257 -26.07 1.95 9.92
CA ASN B 257 -24.66 1.61 9.81
C ASN B 257 -23.93 1.63 11.15
N ALA B 258 -24.52 2.28 12.15
CA ALA B 258 -23.89 2.34 13.47
C ALA B 258 -24.04 0.98 14.14
N ASN B 259 -25.12 0.28 13.80
CA ASN B 259 -25.40 -1.04 14.36
C ASN B 259 -24.51 -2.08 13.70
N LYS B 260 -24.26 -1.88 12.41
CA LYS B 260 -23.45 -2.83 11.64
C LYS B 260 -21.98 -2.66 12.01
N ALA B 261 -21.60 -1.45 12.41
CA ALA B 261 -20.22 -1.18 12.81
C ALA B 261 -19.97 -1.83 14.18
N LEU B 262 -20.99 -1.87 15.01
CA LEU B 262 -20.87 -2.47 16.33
C LEU B 262 -20.76 -3.97 16.17
N MET B 263 -21.47 -4.52 15.20
CA MET B 263 -21.46 -5.96 14.95
C MET B 263 -20.08 -6.41 14.47
N ASN B 264 -19.39 -5.54 13.74
CA ASN B 264 -18.05 -5.86 13.25
C ASN B 264 -17.10 -5.96 14.43
N LEU B 265 -17.42 -5.22 15.50
CA LEU B 265 -16.61 -5.23 16.70
C LEU B 265 -17.09 -6.34 17.64
N GLY B 266 -18.16 -7.01 17.25
CA GLY B 266 -18.72 -8.10 18.04
C GLY B 266 -19.78 -7.70 19.06
N TYR B 267 -20.26 -6.47 18.97
CA TYR B 267 -21.27 -5.96 19.90
C TYR B 267 -22.70 -6.06 19.38
N GLU B 268 -23.67 -5.79 20.25
CA GLU B 268 -25.08 -5.86 19.89
C GLU B 268 -25.58 -4.50 19.37
N ALA B 269 -26.66 -4.55 18.58
CA ALA B 269 -27.23 -3.34 18.00
C ALA B 269 -27.58 -2.28 19.05
N LEU B 270 -27.27 -1.03 18.75
CA LEU B 270 -27.54 0.07 19.67
C LEU B 270 -28.86 0.76 19.34
N PHE B 271 -29.22 0.78 18.06
CA PHE B 271 -30.47 1.41 17.62
C PHE B 271 -31.49 0.38 17.15
N PRO B 272 -32.67 0.34 17.79
CA PRO B 272 -33.73 -0.60 17.42
C PRO B 272 -34.13 -0.36 15.97
N PRO B 273 -34.58 -1.40 15.25
CA PRO B 273 -34.98 -1.27 13.84
C PRO B 273 -35.91 -0.10 13.53
N GLU B 274 -36.58 0.43 14.55
CA GLU B 274 -37.50 1.55 14.40
C GLU B 274 -36.78 2.86 14.07
N MET B 275 -35.52 2.96 14.48
CA MET B 275 -34.73 4.16 14.23
C MET B 275 -33.72 3.98 13.09
N ALA B 276 -33.22 2.76 12.93
CA ALA B 276 -32.25 2.47 11.89
C ALA B 276 -32.93 1.80 10.69
N ASP B 277 -33.97 2.44 10.17
CA ASP B 277 -34.70 1.91 9.02
C ASP B 277 -34.26 2.70 7.78
N VAL B 278 -34.20 2.02 6.64
CA VAL B 278 -33.80 2.67 5.39
C VAL B 278 -34.61 2.13 4.21
N ASN B 279 -34.89 3.01 3.25
CA ASN B 279 -35.65 2.64 2.06
C ASN B 279 -35.08 1.37 1.42
N PRO B 280 -35.94 0.39 1.13
CA PRO B 280 -35.54 -0.88 0.52
C PRO B 280 -34.86 -0.71 -0.83
N ALA B 281 -35.20 0.36 -1.54
CA ALA B 281 -34.61 0.63 -2.84
C ALA B 281 -33.14 1.00 -2.63
N ILE B 282 -32.90 1.90 -1.69
CA ILE B 282 -31.56 2.35 -1.37
C ILE B 282 -30.71 1.12 -1.04
N LEU B 283 -31.17 0.37 -0.05
CA LEU B 283 -30.49 -0.84 0.40
C LEU B 283 -30.28 -1.83 -0.74
N ALA B 284 -31.23 -1.91 -1.66
CA ALA B 284 -31.16 -2.83 -2.78
C ALA B 284 -30.02 -2.51 -3.74
N ALA B 285 -29.59 -1.24 -3.71
CA ALA B 285 -28.50 -0.80 -4.58
C ALA B 285 -27.13 -1.12 -3.96
N LEU B 286 -27.08 -1.08 -2.63
CA LEU B 286 -25.85 -1.35 -1.88
C LEU B 286 -25.39 -2.81 -2.02
#